data_9E5Q
#
_entry.id   9E5Q
#
_cell.length_a   41.571
_cell.length_b   78.450
_cell.length_c   80.006
_cell.angle_alpha   90.00
_cell.angle_beta   90.42
_cell.angle_gamma   90.00
#
_symmetry.space_group_name_H-M   'P 1 21 1'
#
loop_
_entity.id
_entity.type
_entity.pdbx_description
1 polymer 'RNA (76-MER)'
2 non-polymer ethynyl-N-phenylpropiolamide-cobalamin
3 non-polymer N-methylpropane-1,3-diamine
4 non-polymer 2-AMINO-2-HYDROXYMETHYL-PROPANE-1,3-DIOL
5 non-polymer 'MAGNESIUM ION'
6 non-polymer 'POTASSIUM ION'
7 water water
#
_entity_poly.entity_id   1
_entity_poly.type   'polyribonucleotide'
_entity_poly.pdbx_seq_one_letter_code
;(GTP)GUAAAAGCAUAGUGGGAAAGUGACGUGAAAUUCGUCCACACGAAAGUAAGGUCAUAGUCCGAAUGCCACCUACCA
;
_entity_poly.pdbx_strand_id   A,B
#